data_6TQX
#
_entry.id   6TQX
#
_cell.length_a   57.335
_cell.length_b   60.493
_cell.length_c   95.601
_cell.angle_alpha   90.000
_cell.angle_beta   106.623
_cell.angle_gamma   90.000
#
_symmetry.space_group_name_H-M   'P 1 21 1'
#
loop_
_entity.id
_entity.type
_entity.pdbx_description
1 polymer 'Ribonucleoside-diphosphate reductase subunit beta'
2 non-polymer 'SULFATE ION'
3 water water
#
_entity_poly.entity_id   1
_entity_poly.type   'polypeptide(L)'
_entity_poly.pdbx_seq_one_letter_code
;MRAVNWNKKEDDFSLMFWKQNIAQFWTEEEIAVSSDKNTWVQLSKEEQIAYKRVLGGLTLGDTKQGGEGMPLVLVHLENL
QAKSVLAFMGAMEEVHAKSYSHIFTTLATEEEIDEIFDWVDTHPLLEKKAGIITSYYRRLLKPEVTKKELYMAMVASVFL
ESYLFYSGFFYPLYLAGQGKLTASGEIINLIIRDESIHGVFVGILAQQIFAELSAEDQQEVQKETQELLMELYEIEMAYT
EEIYTSIGLVEDVNRFVRYNANKGLMNLGLEPKFEEEEINPIVLNGLRTDTKNHDFFSVKGNGYVKATNVEKLSDDDFVF
NF
;
_entity_poly.pdbx_strand_id   A,B
#
loop_
_chem_comp.id
_chem_comp.type
_chem_comp.name
_chem_comp.formula
SO4 non-polymer 'SULFATE ION' 'O4 S -2'
#
# COMPACT_ATOMS: atom_id res chain seq x y z
N MET A 1 -9.82 -0.20 -20.32
CA MET A 1 -9.12 0.19 -19.06
C MET A 1 -7.82 -0.64 -18.92
N ARG A 2 -6.73 0.02 -18.54
CA ARG A 2 -5.40 -0.57 -18.65
C ARG A 2 -5.04 -1.42 -17.43
N ALA A 3 -4.40 -2.56 -17.70
CA ALA A 3 -3.73 -3.32 -16.66
C ALA A 3 -2.24 -3.05 -16.73
N VAL A 4 -1.58 -3.15 -15.58
CA VAL A 4 -0.14 -2.92 -15.56
C VAL A 4 0.56 -4.01 -16.36
N ASN A 5 1.49 -3.60 -17.23
CA ASN A 5 2.26 -4.48 -18.10
C ASN A 5 3.75 -4.23 -17.92
N TRP A 6 4.40 -5.07 -17.12
CA TRP A 6 5.81 -4.92 -16.80
C TRP A 6 6.73 -5.38 -17.92
N ASN A 7 6.20 -6.02 -18.96
CA ASN A 7 7.00 -6.36 -20.12
C ASN A 7 7.14 -5.20 -21.09
N LYS A 8 6.57 -4.04 -20.76
CA LYS A 8 6.73 -2.80 -21.53
C LYS A 8 6.86 -1.65 -20.51
N LYS A 9 8.07 -1.10 -20.42
CA LYS A 9 8.38 -0.12 -19.40
C LYS A 9 7.66 1.19 -19.67
N GLU A 10 7.08 1.78 -18.62
CA GLU A 10 6.48 3.10 -18.71
C GLU A 10 7.48 4.19 -18.40
N ASP A 11 8.63 3.86 -17.83
CA ASP A 11 9.68 4.80 -17.50
C ASP A 11 10.97 4.02 -17.33
N ASP A 12 12.06 4.73 -17.04
CA ASP A 12 13.38 4.13 -17.00
C ASP A 12 13.82 3.78 -15.59
N PHE A 13 12.95 3.92 -14.58
CA PHE A 13 13.39 3.69 -13.20
C PHE A 13 12.43 2.90 -12.32
N SER A 14 11.13 2.76 -12.65
CA SER A 14 10.23 2.08 -11.72
C SER A 14 10.63 0.63 -11.45
N LEU A 15 11.12 -0.11 -12.46
CA LEU A 15 11.47 -1.52 -12.21
C LEU A 15 12.63 -1.63 -11.22
N MET A 16 13.63 -0.79 -11.37
CA MET A 16 14.77 -0.80 -10.46
C MET A 16 14.33 -0.43 -9.05
N PHE A 17 13.44 0.55 -8.93
CA PHE A 17 12.98 0.90 -7.59
C PHE A 17 12.04 -0.17 -7.04
N TRP A 18 11.19 -0.78 -7.88
CA TRP A 18 10.43 -1.95 -7.42
C TRP A 18 11.35 -3.02 -6.84
N LYS A 19 12.33 -3.46 -7.63
CA LYS A 19 13.20 -4.54 -7.18
C LYS A 19 13.93 -4.17 -5.89
N GLN A 20 14.37 -2.91 -5.75
CA GLN A 20 15.10 -2.53 -4.56
C GLN A 20 14.19 -2.49 -3.34
N ASN A 21 12.99 -1.95 -3.48
CA ASN A 21 12.08 -1.95 -2.34
C ASN A 21 11.84 -3.37 -1.83
N ILE A 22 11.63 -4.30 -2.75
CA ILE A 22 11.39 -5.70 -2.43
C ILE A 22 12.63 -6.31 -1.78
N ALA A 23 13.79 -6.10 -2.40
CA ALA A 23 15.06 -6.56 -1.87
C ALA A 23 15.28 -6.09 -0.45
N GLN A 24 14.81 -4.87 -0.12
CA GLN A 24 15.01 -4.31 1.20
C GLN A 24 13.93 -4.72 2.20
N PHE A 25 13.03 -5.64 1.84
CA PHE A 25 11.90 -5.94 2.69
C PHE A 25 12.37 -6.50 4.03
N TRP A 26 11.72 -6.04 5.11
CA TRP A 26 11.97 -6.48 6.48
C TRP A 26 10.71 -6.25 7.30
N THR A 27 10.63 -6.89 8.48
CA THR A 27 9.63 -6.59 9.49
C THR A 27 10.24 -6.64 10.89
N GLU A 28 9.54 -6.04 11.86
CA GLU A 28 10.11 -5.82 13.20
C GLU A 28 10.52 -7.11 13.91
N GLU A 29 9.79 -8.21 13.68
CA GLU A 29 10.10 -9.45 14.39
C GLU A 29 11.52 -9.92 14.12
N GLU A 30 12.17 -9.39 13.09
CA GLU A 30 13.53 -9.82 12.79
C GLU A 30 14.55 -9.24 13.77
N ILE A 31 14.19 -8.25 14.59
CA ILE A 31 15.15 -7.58 15.48
C ILE A 31 14.61 -7.62 16.90
N ALA A 32 15.22 -8.43 17.73
CA ALA A 32 14.93 -8.44 19.15
C ALA A 32 15.58 -7.21 19.78
N VAL A 33 14.82 -6.53 20.63
CA VAL A 33 15.22 -5.27 21.25
C VAL A 33 15.52 -5.42 22.75
N SER A 34 15.20 -6.56 23.36
CA SER A 34 15.32 -6.69 24.82
C SER A 34 16.71 -6.31 25.34
N SER A 35 17.76 -6.62 24.59
CA SER A 35 19.09 -6.30 25.07
C SER A 35 19.34 -4.80 25.19
N ASP A 36 18.49 -3.96 24.58
CA ASP A 36 18.65 -2.53 24.76
C ASP A 36 18.34 -2.09 26.19
N LYS A 37 17.64 -2.92 26.98
CA LYS A 37 17.29 -2.49 28.34
C LYS A 37 18.51 -2.12 29.15
N ASN A 38 19.65 -2.76 28.89
CA ASN A 38 20.84 -2.55 29.69
C ASN A 38 21.45 -1.18 29.46
N THR A 39 21.30 -0.60 28.27
CA THR A 39 21.72 0.79 28.12
C THR A 39 20.56 1.76 28.33
N TRP A 40 19.31 1.35 28.10
CA TRP A 40 18.16 2.19 28.42
C TRP A 40 18.20 2.70 29.85
N VAL A 41 18.45 1.79 30.81
CA VAL A 41 18.37 2.19 32.21
C VAL A 41 19.48 3.15 32.57
N GLN A 42 20.58 3.19 31.78
CA GLN A 42 21.67 4.15 32.02
C GLN A 42 21.33 5.57 31.58
N LEU A 43 20.33 5.77 30.75
CA LEU A 43 19.98 7.13 30.33
C LEU A 43 19.28 7.86 31.47
N SER A 44 19.41 9.19 31.47
CA SER A 44 18.65 9.98 32.42
C SER A 44 17.19 10.00 32.02
N LYS A 45 16.36 10.47 32.96
CA LYS A 45 14.95 10.74 32.71
C LYS A 45 14.74 11.68 31.51
N GLU A 46 15.49 12.77 31.49
CA GLU A 46 15.37 13.72 30.39
C GLU A 46 15.71 13.06 29.05
N GLU A 47 16.76 12.24 29.04
CA GLU A 47 17.15 11.50 27.82
C GLU A 47 16.08 10.48 27.42
N GLN A 48 15.54 9.74 28.38
CA GLN A 48 14.48 8.77 28.07
C GLN A 48 13.25 9.47 27.52
N ILE A 49 12.96 10.66 28.03
CA ILE A 49 11.76 11.38 27.60
C ILE A 49 11.94 11.89 26.18
N ALA A 50 13.10 12.47 25.89
CA ALA A 50 13.35 12.92 24.52
C ALA A 50 13.23 11.76 23.53
N TYR A 51 13.75 10.58 23.91
CA TYR A 51 13.74 9.43 23.02
C TYR A 51 12.33 9.00 22.71
N LYS A 52 11.49 8.89 23.74
CA LYS A 52 10.11 8.46 23.54
C LYS A 52 9.35 9.47 22.71
N ARG A 53 9.59 10.76 22.95
CA ARG A 53 8.92 11.82 22.20
C ARG A 53 9.31 11.79 20.71
N VAL A 54 10.60 11.67 20.39
CA VAL A 54 10.95 11.71 18.97
C VAL A 54 10.46 10.44 18.24
N LEU A 55 10.46 9.28 18.91
CA LEU A 55 9.91 8.08 18.28
C LEU A 55 8.40 8.21 18.07
N GLY A 56 7.69 8.84 19.02
CA GLY A 56 6.28 9.14 18.81
C GLY A 56 6.04 10.10 17.65
N GLY A 57 6.90 11.10 17.50
CA GLY A 57 6.76 11.99 16.34
C GLY A 57 7.00 11.26 15.04
N LEU A 58 8.00 10.38 15.02
CA LEU A 58 8.29 9.60 13.83
C LEU A 58 7.13 8.68 13.45
N THR A 59 6.48 8.07 14.45
CA THR A 59 5.35 7.16 14.19
C THR A 59 4.21 7.90 13.51
N LEU A 60 3.95 9.10 13.99
CA LEU A 60 2.92 9.95 13.38
C LEU A 60 3.24 10.24 11.92
N GLY A 61 4.49 10.58 11.64
CA GLY A 61 4.88 10.77 10.26
C GLY A 61 4.60 9.57 9.38
N ASP A 62 5.00 8.37 9.82
CA ASP A 62 4.76 7.17 9.01
C ASP A 62 3.28 6.84 8.93
N THR A 63 2.53 7.10 10.00
CA THR A 63 1.10 6.86 9.98
C THR A 63 0.42 7.67 8.88
N LYS A 64 0.82 8.93 8.72
CA LYS A 64 0.23 9.79 7.72
C LYS A 64 0.73 9.45 6.32
N GLN A 65 1.98 8.98 6.19
CA GLN A 65 2.52 8.66 4.86
C GLN A 65 1.89 7.40 4.32
N GLY A 66 1.86 6.35 5.13
CA GLY A 66 1.25 5.11 4.69
C GLY A 66 -0.26 5.19 4.50
N GLY A 67 -0.94 5.99 5.31
CA GLY A 67 -2.39 6.03 5.33
C GLY A 67 -3.03 7.17 4.57
N GLU A 68 -2.22 8.15 4.14
CA GLU A 68 -2.72 9.32 3.42
C GLU A 68 -1.83 9.71 2.24
N GLY A 69 -0.54 9.99 2.48
CA GLY A 69 0.39 10.44 1.43
C GLY A 69 0.52 9.52 0.23
N MET A 70 0.99 8.30 0.47
CA MET A 70 1.17 7.36 -0.63
C MET A 70 -0.15 7.02 -1.32
N PRO A 71 -1.24 6.72 -0.61
CA PRO A 71 -2.50 6.43 -1.30
C PRO A 71 -3.01 7.59 -2.15
N LEU A 72 -2.93 8.82 -1.67
CA LEU A 72 -3.53 9.91 -2.43
C LEU A 72 -2.62 10.37 -3.56
N VAL A 73 -1.29 10.29 -3.39
CA VAL A 73 -0.40 10.49 -4.53
C VAL A 73 -0.59 9.38 -5.56
N LEU A 74 -0.50 8.13 -5.14
CA LEU A 74 -0.48 7.10 -6.17
C LEU A 74 -1.79 7.03 -6.96
N VAL A 75 -2.93 7.32 -6.34
CA VAL A 75 -4.19 7.03 -7.00
C VAL A 75 -4.38 7.88 -8.26
N HIS A 76 -3.83 9.08 -8.29
CA HIS A 76 -3.93 9.97 -9.43
C HIS A 76 -2.83 9.77 -10.47
N LEU A 77 -1.86 8.90 -10.22
CA LEU A 77 -0.80 8.65 -11.20
C LEU A 77 -1.30 7.88 -12.40
N GLU A 78 -0.80 8.24 -13.58
CA GLU A 78 -1.13 7.53 -14.81
C GLU A 78 -0.16 6.40 -15.10
N ASN A 79 1.01 6.44 -14.49
CA ASN A 79 2.05 5.46 -14.70
C ASN A 79 1.79 4.30 -13.75
N LEU A 80 1.41 3.15 -14.31
CA LEU A 80 0.95 2.04 -13.47
C LEU A 80 2.08 1.32 -12.77
N GLN A 81 3.27 1.41 -13.33
CA GLN A 81 4.44 0.78 -12.73
C GLN A 81 4.90 1.62 -11.54
N ALA A 82 4.83 2.93 -11.68
CA ALA A 82 5.17 3.89 -10.62
C ALA A 82 4.14 3.77 -9.49
N LYS A 83 2.87 3.61 -9.86
CA LYS A 83 1.74 3.38 -8.94
C LYS A 83 2.09 2.18 -8.04
N SER A 84 2.56 1.08 -8.62
CA SER A 84 2.93 -0.18 -7.94
C SER A 84 4.01 0.07 -6.91
N VAL A 85 5.07 0.77 -7.30
CA VAL A 85 6.16 1.08 -6.37
C VAL A 85 5.62 1.88 -5.17
N LEU A 86 4.84 2.93 -5.43
CA LEU A 86 4.31 3.74 -4.32
C LEU A 86 3.43 2.91 -3.37
N ALA A 87 2.64 1.98 -3.91
CA ALA A 87 1.78 1.19 -3.03
C ALA A 87 2.63 0.36 -2.09
N PHE A 88 3.71 -0.23 -2.62
CA PHE A 88 4.64 -0.99 -1.79
C PHE A 88 5.29 -0.10 -0.74
N MET A 89 5.72 1.11 -1.15
CA MET A 89 6.32 2.06 -0.21
C MET A 89 5.36 2.41 0.91
N GLY A 90 4.07 2.64 0.59
CA GLY A 90 3.13 2.98 1.64
C GLY A 90 2.95 1.85 2.62
N ALA A 91 3.01 0.62 2.13
CA ALA A 91 2.97 -0.54 2.99
C ALA A 91 4.18 -0.58 3.92
N MET A 92 5.36 -0.25 3.40
CA MET A 92 6.53 -0.25 4.25
C MET A 92 6.48 0.88 5.26
N GLU A 93 5.80 1.97 4.95
CA GLU A 93 5.62 3.00 5.98
C GLU A 93 4.87 2.45 7.18
N GLU A 94 3.93 1.53 6.93
CA GLU A 94 3.17 0.93 8.03
C GLU A 94 4.02 -0.09 8.79
N VAL A 95 4.92 -0.79 8.10
CA VAL A 95 5.91 -1.62 8.77
C VAL A 95 6.76 -0.76 9.71
N HIS A 96 7.23 0.38 9.20
CA HIS A 96 8.00 1.31 10.03
C HIS A 96 7.23 1.73 11.28
N ALA A 97 5.99 2.17 11.11
CA ALA A 97 5.20 2.69 12.23
C ALA A 97 5.00 1.61 13.29
N LYS A 98 4.73 0.38 12.83
CA LYS A 98 4.59 -0.74 13.73
C LYS A 98 5.91 -1.09 14.44
N SER A 99 7.04 -1.01 13.74
N SER A 99 7.04 -0.97 13.73
CA SER A 99 8.32 -1.25 14.40
CA SER A 99 8.34 -1.22 14.36
C SER A 99 8.53 -0.31 15.59
C SER A 99 8.56 -0.30 15.57
N TYR A 100 8.02 0.92 15.53
CA TYR A 100 8.18 1.82 16.69
C TYR A 100 7.45 1.28 17.91
N SER A 101 6.28 0.68 17.70
CA SER A 101 5.56 0.08 18.83
C SER A 101 6.32 -1.09 19.43
N HIS A 102 7.03 -1.85 18.59
CA HIS A 102 7.86 -2.97 19.05
C HIS A 102 8.99 -2.48 19.97
N ILE A 103 9.63 -1.37 19.61
CA ILE A 103 10.61 -0.74 20.51
C ILE A 103 9.93 -0.32 21.82
N PHE A 104 8.85 0.44 21.70
CA PHE A 104 8.15 0.87 22.90
C PHE A 104 7.87 -0.32 23.81
N THR A 105 7.49 -1.47 23.23
CA THR A 105 7.10 -2.62 24.05
C THR A 105 8.23 -3.04 24.98
N THR A 106 9.48 -2.96 24.51
CA THR A 106 10.60 -3.32 25.37
C THR A 106 10.94 -2.22 26.38
N LEU A 107 10.79 -0.95 25.99
CA LEU A 107 11.34 0.15 26.79
C LEU A 107 10.38 0.82 27.75
N ALA A 108 9.08 0.69 27.55
CA ALA A 108 8.10 1.46 28.30
C ALA A 108 7.03 0.51 28.78
N THR A 109 6.38 0.87 29.90
CA THR A 109 5.23 0.15 30.39
C THR A 109 4.00 0.55 29.58
N GLU A 110 2.93 -0.24 29.73
CA GLU A 110 1.72 0.01 28.98
C GLU A 110 1.21 1.41 29.23
N GLU A 111 1.34 1.89 30.46
CA GLU A 111 0.84 3.22 30.84
C GLU A 111 1.70 4.31 30.22
N GLU A 112 3.02 4.12 30.25
CA GLU A 112 3.96 5.09 29.68
C GLU A 112 3.78 5.20 28.18
N ILE A 113 3.45 4.08 27.50
CA ILE A 113 3.21 4.12 26.06
C ILE A 113 1.98 4.94 25.75
N ASP A 114 0.91 4.75 26.53
CA ASP A 114 -0.28 5.55 26.29
C ASP A 114 -0.05 7.03 26.58
N GLU A 115 0.80 7.37 27.54
CA GLU A 115 1.22 8.76 27.71
C GLU A 115 1.85 9.28 26.43
N ILE A 116 2.78 8.51 25.85
CA ILE A 116 3.46 8.93 24.63
C ILE A 116 2.45 9.29 23.57
N PHE A 117 1.54 8.36 23.29
CA PHE A 117 0.61 8.57 22.19
C PHE A 117 -0.39 9.68 22.50
N ASP A 118 -0.72 9.93 23.76
CA ASP A 118 -1.54 11.10 24.07
C ASP A 118 -0.75 12.40 23.87
N TRP A 119 0.54 12.39 24.25
CA TRP A 119 1.35 13.58 24.02
C TRP A 119 1.47 13.88 22.52
N VAL A 120 1.63 12.84 21.69
CA VAL A 120 1.67 13.02 20.24
C VAL A 120 0.37 13.64 19.74
N ASP A 121 -0.77 13.10 20.18
CA ASP A 121 -2.03 13.52 19.57
C ASP A 121 -2.37 14.97 19.89
N THR A 122 -2.03 15.45 21.07
CA THR A 122 -2.38 16.81 21.48
C THR A 122 -1.24 17.81 21.28
N HIS A 123 -0.12 17.39 20.71
CA HIS A 123 1.04 18.27 20.65
C HIS A 123 0.88 19.33 19.57
N PRO A 124 0.97 20.62 19.91
CA PRO A 124 0.67 21.68 18.92
C PRO A 124 1.62 21.73 17.74
N LEU A 125 2.91 21.56 17.95
CA LEU A 125 3.83 21.61 16.82
C LEU A 125 3.69 20.40 15.92
N LEU A 126 3.51 19.21 16.49
CA LEU A 126 3.30 18.03 15.66
C LEU A 126 2.01 18.14 14.88
N GLU A 127 0.97 18.65 15.53
CA GLU A 127 -0.28 18.87 14.82
C GLU A 127 -0.08 19.86 13.67
N LYS A 128 0.70 20.92 13.89
CA LYS A 128 0.92 21.92 12.84
C LYS A 128 1.71 21.34 11.67
N LYS A 129 2.80 20.63 11.95
CA LYS A 129 3.64 20.06 10.89
C LYS A 129 2.88 19.03 10.09
N ALA A 130 2.23 18.08 10.78
CA ALA A 130 1.45 17.09 10.06
C ALA A 130 0.28 17.72 9.35
N GLY A 131 -0.28 18.78 9.92
CA GLY A 131 -1.40 19.41 9.29
C GLY A 131 -1.03 20.08 7.99
N ILE A 132 0.14 20.74 7.95
CA ILE A 132 0.60 21.37 6.72
C ILE A 132 0.85 20.33 5.64
N ILE A 133 1.57 19.26 5.98
CA ILE A 133 1.90 18.25 4.98
C ILE A 133 0.63 17.60 4.44
N THR A 134 -0.23 17.14 5.32
CA THR A 134 -1.39 16.38 4.86
C THR A 134 -2.39 17.28 4.16
N SER A 135 -2.32 18.59 4.35
CA SER A 135 -3.22 19.46 3.60
C SER A 135 -2.92 19.38 2.12
N TYR A 136 -1.67 19.15 1.76
CA TYR A 136 -1.35 18.93 0.35
C TYR A 136 -1.96 17.62 -0.13
N TYR A 137 -2.03 16.61 0.75
CA TYR A 137 -2.62 15.33 0.36
C TYR A 137 -4.13 15.44 0.23
N ARG A 138 -4.78 16.11 1.17
CA ARG A 138 -6.24 16.17 1.12
C ARG A 138 -6.74 16.98 -0.08
N ARG A 139 -5.92 17.87 -0.64
CA ARG A 139 -6.32 18.54 -1.86
C ARG A 139 -6.54 17.54 -3.01
N LEU A 140 -6.01 16.33 -2.88
CA LEU A 140 -6.16 15.29 -3.91
C LEU A 140 -7.42 14.46 -3.72
N LEU A 141 -8.23 14.77 -2.71
CA LEU A 141 -9.50 14.07 -2.52
C LEU A 141 -10.57 14.72 -3.40
N LYS A 142 -10.40 14.55 -4.70
CA LYS A 142 -11.39 14.94 -5.70
C LYS A 142 -11.08 14.20 -6.99
N PRO A 143 -12.07 14.08 -7.88
CA PRO A 143 -11.86 13.25 -9.08
C PRO A 143 -10.81 13.76 -10.01
N GLU A 144 -10.69 15.09 -10.17
CA GLU A 144 -9.71 15.68 -11.09
C GLU A 144 -8.80 16.62 -10.31
N VAL A 145 -7.50 16.41 -10.45
CA VAL A 145 -6.51 17.28 -9.82
C VAL A 145 -5.66 17.94 -10.91
N THR A 146 -5.06 19.05 -10.55
CA THR A 146 -4.09 19.69 -11.44
C THR A 146 -2.69 19.12 -11.20
N LYS A 147 -1.82 19.26 -12.19
CA LYS A 147 -0.43 18.85 -12.00
C LYS A 147 0.28 19.67 -10.93
N LYS A 148 -0.05 20.95 -10.78
CA LYS A 148 0.43 21.75 -9.66
C LYS A 148 0.09 21.08 -8.32
N GLU A 149 -1.15 20.63 -8.19
CA GLU A 149 -1.58 20.02 -6.93
C GLU A 149 -0.86 18.69 -6.70
N LEU A 150 -0.71 17.89 -7.75
CA LEU A 150 -0.01 16.61 -7.58
C LEU A 150 1.48 16.82 -7.31
N TYR A 151 2.10 17.77 -8.02
CA TYR A 151 3.49 18.13 -7.78
C TYR A 151 3.73 18.56 -6.33
N MET A 152 2.91 19.47 -5.80
CA MET A 152 3.11 19.94 -4.44
C MET A 152 2.83 18.86 -3.40
N ALA A 153 1.94 17.90 -3.69
CA ALA A 153 1.81 16.75 -2.79
C ALA A 153 3.08 15.89 -2.80
N MET A 154 3.70 15.74 -3.95
CA MET A 154 4.95 14.99 -3.99
C MET A 154 6.07 15.74 -3.27
N VAL A 155 6.12 17.06 -3.43
CA VAL A 155 7.07 17.88 -2.68
C VAL A 155 6.85 17.68 -1.19
N ALA A 156 5.59 17.78 -0.74
CA ALA A 156 5.28 17.57 0.67
C ALA A 156 5.80 16.20 1.15
N SER A 157 5.65 15.19 0.29
CA SER A 157 6.07 13.83 0.59
C SER A 157 7.59 13.73 0.73
N VAL A 158 8.32 14.29 -0.23
CA VAL A 158 9.77 14.30 -0.12
C VAL A 158 10.20 15.06 1.12
N PHE A 159 9.57 16.20 1.40
CA PHE A 159 9.98 17.00 2.54
C PHE A 159 9.73 16.25 3.86
N LEU A 160 8.71 15.42 3.90
CA LEU A 160 8.49 14.66 5.14
C LEU A 160 9.52 13.55 5.25
N GLU A 161 9.72 12.76 4.18
CA GLU A 161 10.52 11.54 4.27
C GLU A 161 12.02 11.79 4.19
N SER A 162 12.44 12.86 3.52
CA SER A 162 13.85 13.17 3.35
C SER A 162 14.34 14.25 4.31
N TYR A 163 13.42 14.90 5.02
CA TYR A 163 13.72 16.16 5.67
C TYR A 163 13.07 16.23 7.06
N LEU A 164 11.75 16.32 7.19
CA LEU A 164 11.17 16.57 8.50
C LEU A 164 11.41 15.43 9.50
N PHE A 165 11.46 14.18 9.03
CA PHE A 165 11.75 13.03 9.89
C PHE A 165 13.08 13.18 10.65
N TYR A 166 14.05 13.89 10.08
CA TYR A 166 15.41 13.77 10.59
C TYR A 166 15.63 14.52 11.90
N SER A 167 14.76 15.46 12.25
CA SER A 167 14.79 15.97 13.62
C SER A 167 14.56 14.85 14.62
N GLY A 168 13.89 13.76 14.19
CA GLY A 168 13.69 12.61 15.06
C GLY A 168 14.72 11.52 14.89
N PHE A 169 15.12 11.23 13.66
CA PHE A 169 16.13 10.18 13.47
C PHE A 169 17.45 10.54 14.17
N PHE A 170 17.73 11.83 14.34
CA PHE A 170 18.98 12.27 14.98
C PHE A 170 19.25 11.49 16.26
N TYR A 171 18.27 11.40 17.16
CA TYR A 171 18.62 10.96 18.51
C TYR A 171 18.85 9.44 18.63
N PRO A 172 18.02 8.57 18.04
CA PRO A 172 18.37 7.14 18.05
C PRO A 172 19.72 6.89 17.43
N LEU A 173 20.07 7.66 16.41
CA LEU A 173 21.34 7.49 15.72
C LEU A 173 22.48 7.99 16.60
N TYR A 174 22.25 9.10 17.29
CA TYR A 174 23.27 9.65 18.18
C TYR A 174 23.57 8.68 19.31
N LEU A 175 22.53 8.09 19.90
CA LEU A 175 22.75 7.14 20.99
C LEU A 175 23.40 5.84 20.49
N ALA A 176 22.90 5.28 19.37
CA ALA A 176 23.50 4.09 18.79
C ALA A 176 24.96 4.30 18.43
N GLY A 177 25.31 5.50 17.97
CA GLY A 177 26.70 5.78 17.63
C GLY A 177 27.65 5.71 18.81
N GLN A 178 27.10 5.69 20.02
CA GLN A 178 27.84 5.55 21.27
C GLN A 178 27.63 4.19 21.95
N GLY A 179 27.05 3.20 21.27
CA GLY A 179 26.82 1.89 21.87
C GLY A 179 25.58 1.78 22.74
N LYS A 180 24.67 2.75 22.69
CA LYS A 180 23.46 2.78 23.49
C LYS A 180 22.26 2.51 22.58
N LEU A 181 21.32 1.71 23.06
CA LEU A 181 20.11 1.36 22.29
C LEU A 181 20.45 0.95 20.86
N THR A 182 21.37 0.01 20.72
CA THR A 182 21.86 -0.31 19.39
C THR A 182 20.91 -1.19 18.60
N ALA A 183 20.04 -1.95 19.27
CA ALA A 183 19.13 -2.82 18.52
C ALA A 183 17.99 -1.98 17.95
N SER A 184 17.43 -1.09 18.76
CA SER A 184 16.54 -0.06 18.25
C SER A 184 17.18 0.75 17.13
N GLY A 185 18.48 1.06 17.29
CA GLY A 185 19.19 1.78 16.25
C GLY A 185 19.26 1.01 14.94
N GLU A 186 19.39 -0.32 15.02
CA GLU A 186 19.36 -1.12 13.80
C GLU A 186 18.00 -1.04 13.12
N ILE A 187 16.91 -1.02 13.91
CA ILE A 187 15.58 -0.81 13.35
C ILE A 187 15.54 0.55 12.67
N ILE A 188 16.07 1.58 13.33
CA ILE A 188 16.00 2.92 12.76
C ILE A 188 16.81 2.99 11.48
N ASN A 189 17.92 2.23 11.40
CA ASN A 189 18.70 2.21 10.17
C ASN A 189 17.94 1.54 9.02
N LEU A 190 17.22 0.46 9.31
CA LEU A 190 16.40 -0.15 8.25
C LEU A 190 15.32 0.81 7.77
N ILE A 191 14.67 1.52 8.71
CA ILE A 191 13.68 2.53 8.33
C ILE A 191 14.31 3.57 7.41
N ILE A 192 15.45 4.16 7.82
CA ILE A 192 16.14 5.16 7.01
C ILE A 192 16.51 4.62 5.64
N ARG A 193 17.00 3.39 5.57
CA ARG A 193 17.32 2.78 4.28
C ARG A 193 16.11 2.77 3.34
N ASP A 194 14.91 2.52 3.87
CA ASP A 194 13.68 2.61 3.05
C ASP A 194 13.37 4.05 2.70
N GLU A 195 13.37 4.95 3.71
CA GLU A 195 12.99 6.35 3.52
C GLU A 195 13.86 7.03 2.48
N SER A 196 15.15 6.71 2.47
CA SER A 196 16.05 7.35 1.52
C SER A 196 15.60 7.08 0.10
N ILE A 197 15.34 5.82 -0.22
CA ILE A 197 14.95 5.57 -1.60
C ILE A 197 13.51 6.00 -1.84
N HIS A 198 12.68 6.11 -0.80
CA HIS A 198 11.36 6.71 -0.97
C HIS A 198 11.46 8.14 -1.45
N GLY A 199 12.26 8.97 -0.77
CA GLY A 199 12.37 10.37 -1.16
C GLY A 199 12.96 10.53 -2.55
N VAL A 200 13.95 9.69 -2.90
CA VAL A 200 14.55 9.73 -4.23
C VAL A 200 13.49 9.43 -5.29
N PHE A 201 12.70 8.36 -5.07
CA PHE A 201 11.74 7.94 -6.08
C PHE A 201 10.66 8.99 -6.27
N VAL A 202 10.03 9.42 -5.18
CA VAL A 202 9.02 10.46 -5.32
C VAL A 202 9.62 11.73 -5.91
N GLY A 203 10.88 12.03 -5.59
CA GLY A 203 11.50 13.21 -6.19
C GLY A 203 11.65 13.09 -7.70
N ILE A 204 12.00 11.90 -8.19
CA ILE A 204 12.07 11.69 -9.63
C ILE A 204 10.69 11.91 -10.26
N LEU A 205 9.63 11.39 -9.64
CA LEU A 205 8.29 11.57 -10.18
C LEU A 205 7.90 13.04 -10.19
N ALA A 206 8.28 13.78 -9.15
CA ALA A 206 7.98 15.21 -9.13
C ALA A 206 8.64 15.94 -10.29
N GLN A 207 9.91 15.63 -10.58
CA GLN A 207 10.63 16.28 -11.65
C GLN A 207 10.02 15.98 -13.00
N GLN A 208 9.52 14.74 -13.19
CA GLN A 208 8.79 14.42 -14.43
C GLN A 208 7.53 15.26 -14.58
N ILE A 209 6.73 15.38 -13.54
CA ILE A 209 5.55 16.24 -13.64
C ILE A 209 5.96 17.69 -13.86
N PHE A 210 6.97 18.16 -13.13
CA PHE A 210 7.42 19.54 -13.24
C PHE A 210 7.73 19.88 -14.69
N ALA A 211 8.35 18.96 -15.42
CA ALA A 211 8.71 19.27 -16.79
C ALA A 211 7.48 19.39 -17.70
N GLU A 212 6.31 18.92 -17.25
CA GLU A 212 5.09 19.06 -18.05
C GLU A 212 4.32 20.33 -17.79
N LEU A 213 4.63 21.03 -16.72
CA LEU A 213 3.94 22.25 -16.34
C LEU A 213 4.34 23.38 -17.27
N SER A 214 3.41 24.32 -17.49
CA SER A 214 3.75 25.57 -18.14
C SER A 214 4.79 26.33 -17.30
N ALA A 215 5.52 27.24 -17.96
CA ALA A 215 6.53 28.01 -17.23
C ALA A 215 5.90 28.81 -16.09
N GLU A 216 4.71 29.35 -16.31
CA GLU A 216 4.08 30.08 -15.23
C GLU A 216 3.78 29.15 -14.05
N ASP A 217 3.27 27.96 -14.34
CA ASP A 217 3.01 27.00 -13.26
C ASP A 217 4.28 26.55 -12.59
N GLN A 218 5.35 26.35 -13.36
CA GLN A 218 6.64 25.97 -12.78
C GLN A 218 7.11 27.01 -11.78
N GLN A 219 7.03 28.27 -12.15
CA GLN A 219 7.50 29.32 -11.26
C GLN A 219 6.61 29.41 -10.03
N GLU A 220 5.29 29.20 -10.19
CA GLU A 220 4.40 29.21 -9.05
C GLU A 220 4.74 28.11 -8.03
N VAL A 221 4.95 26.87 -8.49
CA VAL A 221 5.27 25.80 -7.54
C VAL A 221 6.70 25.92 -7.02
N GLN A 222 7.62 26.48 -7.79
CA GLN A 222 8.94 26.77 -7.20
C GLN A 222 8.81 27.72 -6.02
N LYS A 223 7.99 28.76 -6.16
CA LYS A 223 7.77 29.66 -5.04
C LYS A 223 7.13 28.94 -3.87
N GLU A 224 6.12 28.11 -4.12
CA GLU A 224 5.48 27.38 -3.01
C GLU A 224 6.48 26.45 -2.34
N THR A 225 7.28 25.76 -3.15
CA THR A 225 8.25 24.82 -2.62
C THR A 225 9.24 25.52 -1.69
N GLN A 226 9.77 26.67 -2.11
CA GLN A 226 10.70 27.42 -1.26
C GLN A 226 10.02 27.93 0.00
N GLU A 227 8.77 28.39 -0.11
CA GLU A 227 8.09 28.88 1.07
C GLU A 227 7.76 27.74 2.04
N LEU A 228 7.25 26.63 1.50
CA LEU A 228 6.98 25.47 2.33
C LEU A 228 8.25 24.99 3.03
N LEU A 229 9.36 24.91 2.29
CA LEU A 229 10.61 24.51 2.89
C LEU A 229 10.90 25.32 4.17
N MET A 230 10.75 26.64 4.09
CA MET A 230 11.15 27.51 5.21
C MET A 230 10.08 27.59 6.27
N GLU A 231 8.82 27.42 5.88
CA GLU A 231 7.78 27.32 6.89
C GLU A 231 7.98 26.10 7.77
N LEU A 232 8.30 24.97 7.16
CA LEU A 232 8.56 23.78 7.93
C LEU A 232 9.80 23.96 8.78
N TYR A 233 10.82 24.58 8.21
CA TYR A 233 12.07 24.81 8.92
C TYR A 233 11.82 25.61 10.19
N GLU A 234 11.03 26.66 10.10
CA GLU A 234 10.72 27.47 11.26
C GLU A 234 10.03 26.63 12.34
N ILE A 235 9.11 25.75 11.94
CA ILE A 235 8.44 24.90 12.92
C ILE A 235 9.42 23.91 13.52
N GLU A 236 10.29 23.33 12.69
CA GLU A 236 11.25 22.35 13.21
C GLU A 236 12.21 22.99 14.19
N MET A 237 12.58 24.25 13.99
CA MET A 237 13.48 24.90 14.93
C MET A 237 12.80 25.11 16.29
N ALA A 238 11.51 25.38 16.28
CA ALA A 238 10.78 25.39 17.54
C ALA A 238 10.66 23.98 18.12
N TYR A 239 10.53 22.96 17.28
CA TYR A 239 10.38 21.59 17.77
C TYR A 239 11.68 21.09 18.40
N THR A 240 12.81 21.35 17.76
CA THR A 240 14.09 20.91 18.30
C THR A 240 14.38 21.62 19.62
N GLU A 241 14.05 22.90 19.70
CA GLU A 241 14.27 23.63 20.95
C GLU A 241 13.46 22.99 22.07
N GLU A 242 12.22 22.59 21.77
CA GLU A 242 11.37 22.00 22.77
C GLU A 242 11.89 20.63 23.22
N ILE A 243 12.37 19.81 22.27
CA ILE A 243 12.71 18.42 22.56
C ILE A 243 14.09 18.33 23.18
N TYR A 244 15.03 19.10 22.65
CA TYR A 244 16.43 18.84 22.85
C TYR A 244 17.14 19.84 23.78
N THR A 245 16.51 20.95 24.16
CA THR A 245 17.16 21.89 25.10
C THR A 245 17.52 21.19 26.41
N SER A 246 16.61 20.38 26.95
CA SER A 246 16.88 19.67 28.20
C SER A 246 18.16 18.84 28.13
N ILE A 247 18.55 18.37 26.94
CA ILE A 247 19.70 17.49 26.86
C ILE A 247 20.84 18.08 26.03
N GLY A 248 20.79 19.40 25.81
CA GLY A 248 21.93 20.10 25.21
C GLY A 248 22.24 19.78 23.76
N LEU A 249 21.25 19.38 22.96
CA LEU A 249 21.56 18.94 21.60
C LEU A 249 20.91 19.82 20.53
N VAL A 250 20.38 20.97 20.91
CA VAL A 250 19.54 21.74 19.99
C VAL A 250 20.28 22.10 18.70
N GLU A 251 21.50 22.65 18.83
CA GLU A 251 22.21 23.13 17.63
C GLU A 251 22.75 21.98 16.80
N ASP A 252 23.10 20.87 17.43
CA ASP A 252 23.53 19.69 16.69
C ASP A 252 22.41 19.16 15.80
N VAL A 253 21.20 19.08 16.36
CA VAL A 253 20.04 18.60 15.60
C VAL A 253 19.72 19.58 14.48
N ASN A 254 19.75 20.89 14.78
CA ASN A 254 19.45 21.89 13.75
C ASN A 254 20.36 21.73 12.55
N ARG A 255 21.64 21.44 12.79
CA ARG A 255 22.55 21.23 11.70
C ARG A 255 22.15 19.99 10.91
N PHE A 256 21.73 18.94 11.63
CA PHE A 256 21.25 17.73 10.98
C PHE A 256 20.01 18.03 10.12
N VAL A 257 19.13 18.89 10.63
CA VAL A 257 17.92 19.23 9.87
C VAL A 257 18.28 19.96 8.58
N ARG A 258 19.17 20.95 8.66
CA ARG A 258 19.59 21.66 7.46
C ARG A 258 20.27 20.73 6.46
N TYR A 259 21.10 19.80 6.94
CA TYR A 259 21.74 18.84 6.04
C TYR A 259 20.69 18.05 5.27
N ASN A 260 19.66 17.56 5.96
CA ASN A 260 18.66 16.72 5.29
C ASN A 260 17.64 17.54 4.48
N ALA A 261 17.32 18.77 4.89
CA ALA A 261 16.59 19.67 4.00
C ALA A 261 17.30 19.80 2.67
N ASN A 262 18.61 19.99 2.70
CA ASN A 262 19.36 20.08 1.46
C ASN A 262 19.21 18.82 0.63
N LYS A 263 19.28 17.63 1.28
CA LYS A 263 19.07 16.38 0.55
C LYS A 263 17.66 16.29 -0.04
N GLY A 264 16.64 16.74 0.70
CA GLY A 264 15.30 16.72 0.13
C GLY A 264 15.20 17.59 -1.11
N LEU A 265 15.72 18.82 -1.03
CA LEU A 265 15.78 19.68 -2.21
C LEU A 265 16.49 18.99 -3.35
N MET A 266 17.60 18.32 -3.08
CA MET A 266 18.32 17.69 -4.17
C MET A 266 17.52 16.54 -4.76
N ASN A 267 16.79 15.80 -3.93
CA ASN A 267 15.88 14.77 -4.45
C ASN A 267 14.88 15.34 -5.46
N LEU A 268 14.51 16.61 -5.28
CA LEU A 268 13.59 17.30 -6.18
C LEU A 268 14.29 17.93 -7.37
N GLY A 269 15.60 17.72 -7.51
CA GLY A 269 16.37 18.41 -8.54
C GLY A 269 16.57 19.89 -8.29
N LEU A 270 16.52 20.31 -7.03
CA LEU A 270 16.68 21.71 -6.65
C LEU A 270 18.02 21.93 -5.95
N GLU A 271 18.44 23.18 -5.97
CA GLU A 271 19.70 23.53 -5.34
C GLU A 271 19.58 23.55 -3.81
N PRO A 272 20.66 23.23 -3.10
CA PRO A 272 20.62 23.35 -1.64
C PRO A 272 20.41 24.80 -1.19
N LYS A 273 19.81 24.94 -0.01
CA LYS A 273 19.51 26.25 0.58
C LYS A 273 20.20 26.51 1.90
N PHE A 274 20.90 25.54 2.48
CA PHE A 274 21.58 25.76 3.73
C PHE A 274 23.04 25.37 3.53
N GLU A 275 23.87 25.94 4.38
CA GLU A 275 25.28 25.60 4.39
C GLU A 275 25.51 24.11 4.53
N ILE A 279 27.82 16.27 8.67
CA ILE A 279 27.02 15.49 9.63
C ILE A 279 27.72 15.29 10.98
N ASN A 280 26.98 15.36 12.08
CA ASN A 280 27.55 15.05 13.38
C ASN A 280 28.27 13.70 13.34
N PRO A 281 29.53 13.62 13.81
CA PRO A 281 30.30 12.38 13.62
C PRO A 281 29.80 11.19 14.42
N ILE A 282 29.19 11.43 15.56
CA ILE A 282 28.56 10.35 16.32
C ILE A 282 27.33 9.80 15.60
N VAL A 283 26.50 10.70 15.02
CA VAL A 283 25.40 10.25 14.16
C VAL A 283 25.95 9.40 13.02
N LEU A 284 27.04 9.85 12.40
CA LEU A 284 27.66 9.07 11.34
C LEU A 284 28.02 7.68 11.80
N ASN A 285 28.54 7.56 13.03
CA ASN A 285 28.87 6.24 13.55
C ASN A 285 27.62 5.43 13.88
N GLY A 286 26.51 6.09 14.21
CA GLY A 286 25.26 5.36 14.38
C GLY A 286 24.66 4.84 13.08
N LEU A 287 25.01 5.46 11.95
CA LEU A 287 24.59 4.95 10.65
C LEU A 287 25.46 3.80 10.15
N ARG A 288 26.70 3.71 10.64
CA ARG A 288 27.61 2.59 10.33
C ARG A 288 27.03 1.25 10.83
N MET B 1 -3.23 14.99 16.40
CA MET B 1 -3.43 14.02 15.29
C MET B 1 -2.78 12.69 15.69
N ARG B 2 -3.48 11.60 15.43
CA ARG B 2 -3.17 10.32 16.04
C ARG B 2 -2.13 9.56 15.24
N ALA B 3 -1.17 8.99 15.95
CA ALA B 3 -0.26 8.02 15.37
C ALA B 3 -0.73 6.62 15.76
N VAL B 4 -0.47 5.63 14.91
CA VAL B 4 -0.90 4.26 15.18
C VAL B 4 -0.15 3.70 16.39
N ASN B 5 -0.89 3.07 17.31
CA ASN B 5 -0.36 2.50 18.56
C ASN B 5 -0.80 1.04 18.69
N TRP B 6 0.08 0.12 18.32
CA TRP B 6 -0.24 -1.30 18.35
C TRP B 6 -0.23 -1.89 19.74
N ASN B 7 0.22 -1.14 20.75
CA ASN B 7 0.14 -1.59 22.13
C ASN B 7 -1.23 -1.37 22.75
N LYS B 8 -2.19 -0.85 21.98
CA LYS B 8 -3.56 -0.67 22.43
C LYS B 8 -4.47 -1.02 21.24
N LYS B 9 -5.20 -2.13 21.36
CA LYS B 9 -5.97 -2.67 20.25
C LYS B 9 -7.11 -1.74 19.87
N GLU B 10 -7.24 -1.44 18.57
CA GLU B 10 -8.39 -0.72 18.08
C GLU B 10 -9.53 -1.64 17.70
N ASP B 11 -9.26 -2.94 17.57
CA ASP B 11 -10.25 -3.96 17.25
C ASP B 11 -9.64 -5.29 17.63
N ASP B 12 -10.37 -6.38 17.39
CA ASP B 12 -9.93 -7.71 17.82
C ASP B 12 -9.30 -8.54 16.71
N PHE B 13 -9.12 -8.01 15.51
CA PHE B 13 -8.66 -8.84 14.41
C PHE B 13 -7.55 -8.23 13.57
N SER B 14 -7.34 -6.91 13.57
CA SER B 14 -6.31 -6.31 12.73
C SER B 14 -4.94 -6.89 13.03
N LEU B 15 -4.60 -7.14 14.31
CA LEU B 15 -3.27 -7.65 14.59
C LEU B 15 -3.08 -9.04 13.97
N MET B 16 -4.06 -9.90 14.13
CA MET B 16 -3.88 -11.24 13.57
C MET B 16 -3.81 -11.20 12.07
N PHE B 17 -4.62 -10.33 11.43
CA PHE B 17 -4.55 -10.26 9.98
C PHE B 17 -3.27 -9.61 9.50
N TRP B 18 -2.79 -8.57 10.20
CA TRP B 18 -1.47 -8.04 9.91
C TRP B 18 -0.42 -9.15 9.94
N LYS B 19 -0.39 -9.89 11.03
CA LYS B 19 0.63 -10.94 11.15
C LYS B 19 0.48 -11.96 10.03
N GLN B 20 -0.75 -12.36 9.70
CA GLN B 20 -0.91 -13.37 8.66
C GLN B 20 -0.49 -12.84 7.29
N ASN B 21 -0.83 -11.59 6.96
CA ASN B 21 -0.44 -11.05 5.66
C ASN B 21 1.08 -11.06 5.51
N ILE B 22 1.80 -10.63 6.54
CA ILE B 22 3.27 -10.64 6.52
C ILE B 22 3.79 -12.06 6.43
N ALA B 23 3.25 -12.96 7.25
CA ALA B 23 3.66 -14.36 7.19
C ALA B 23 3.55 -14.95 5.79
N GLN B 24 2.53 -14.56 5.04
CA GLN B 24 2.29 -15.09 3.70
C GLN B 24 3.05 -14.34 2.61
N PHE B 25 3.95 -13.43 2.97
CA PHE B 25 4.62 -12.57 1.98
C PHE B 25 5.45 -13.40 1.01
N TRP B 26 5.42 -13.04 -0.26
CA TRP B 26 6.14 -13.74 -1.32
C TRP B 26 6.31 -12.76 -2.48
N THR B 27 7.21 -13.09 -3.41
CA THR B 27 7.33 -12.34 -4.66
C THR B 27 7.58 -13.32 -5.80
N GLU B 28 7.34 -12.84 -7.03
CA GLU B 28 7.41 -13.70 -8.22
C GLU B 28 8.79 -14.32 -8.44
N GLU B 29 9.85 -13.64 -8.01
CA GLU B 29 11.19 -14.20 -8.23
C GLU B 29 11.34 -15.56 -7.59
N GLU B 30 10.48 -15.89 -6.62
CA GLU B 30 10.58 -17.15 -5.90
C GLU B 30 10.09 -18.36 -6.69
N ILE B 31 9.38 -18.18 -7.82
CA ILE B 31 8.80 -19.30 -8.54
C ILE B 31 9.30 -19.24 -9.98
N ALA B 32 10.16 -20.17 -10.36
CA ALA B 32 10.58 -20.31 -11.74
C ALA B 32 9.50 -21.01 -12.55
N VAL B 33 9.18 -20.45 -13.71
CA VAL B 33 8.07 -20.88 -14.56
C VAL B 33 8.53 -21.52 -15.85
N SER B 34 9.83 -21.42 -16.18
CA SER B 34 10.30 -21.90 -17.47
C SER B 34 9.89 -23.34 -17.70
N SER B 35 9.85 -24.16 -16.65
CA SER B 35 9.51 -25.56 -16.85
C SER B 35 8.06 -25.73 -17.33
N ASP B 36 7.22 -24.69 -17.25
CA ASP B 36 5.86 -24.81 -17.77
C ASP B 36 5.85 -24.92 -19.29
N LYS B 37 6.94 -24.55 -19.98
CA LYS B 37 6.93 -24.54 -21.44
C LYS B 37 6.59 -25.91 -21.99
N ASN B 38 6.95 -26.95 -21.27
CA ASN B 38 6.76 -28.30 -21.76
C ASN B 38 5.28 -28.67 -21.80
N THR B 39 4.45 -28.17 -20.87
CA THR B 39 3.02 -28.43 -20.97
C THR B 39 2.27 -27.30 -21.71
N TRP B 40 2.81 -26.09 -21.73
CA TRP B 40 2.23 -25.02 -22.54
C TRP B 40 2.05 -25.48 -23.98
N VAL B 41 3.08 -26.10 -24.57
CA VAL B 41 2.99 -26.44 -25.99
C VAL B 41 1.99 -27.56 -26.24
N GLN B 42 1.61 -28.34 -25.21
CA GLN B 42 0.63 -29.37 -25.44
C GLN B 42 -0.76 -28.82 -25.57
N LEU B 43 -0.99 -27.57 -25.15
CA LEU B 43 -2.31 -26.97 -25.24
C LEU B 43 -2.60 -26.56 -26.68
N SER B 44 -3.88 -26.47 -26.99
CA SER B 44 -4.26 -25.95 -28.28
C SER B 44 -4.14 -24.44 -28.30
N LYS B 45 -4.25 -23.88 -29.50
CA LYS B 45 -4.33 -22.44 -29.68
C LYS B 45 -5.47 -21.83 -28.86
N GLU B 46 -6.66 -22.41 -28.93
CA GLU B 46 -7.81 -21.89 -28.19
C GLU B 46 -7.57 -21.95 -26.69
N GLU B 47 -6.95 -23.03 -26.19
CA GLU B 47 -6.65 -23.12 -24.77
C GLU B 47 -5.64 -22.05 -24.34
N GLN B 48 -4.60 -21.84 -25.14
CA GLN B 48 -3.60 -20.84 -24.83
C GLN B 48 -4.22 -19.44 -24.83
N ILE B 49 -5.13 -19.20 -25.74
CA ILE B 49 -5.77 -17.89 -25.86
C ILE B 49 -6.67 -17.64 -24.66
N ALA B 50 -7.45 -18.65 -24.25
CA ALA B 50 -8.26 -18.52 -23.05
C ALA B 50 -7.37 -18.23 -21.83
N TYR B 51 -6.24 -18.92 -21.72
CA TYR B 51 -5.35 -18.74 -20.58
C TYR B 51 -4.80 -17.32 -20.54
N LYS B 52 -4.32 -16.82 -21.66
CA LYS B 52 -3.76 -15.48 -21.66
C LYS B 52 -4.85 -14.44 -21.37
N ARG B 53 -6.05 -14.64 -21.91
CA ARG B 53 -7.12 -13.67 -21.69
C ARG B 53 -7.52 -13.63 -20.22
N VAL B 54 -7.71 -14.79 -19.59
CA VAL B 54 -8.17 -14.74 -18.20
C VAL B 54 -7.06 -14.19 -17.30
N LEU B 55 -5.79 -14.45 -17.61
CA LEU B 55 -4.74 -13.83 -16.81
C LEU B 55 -4.70 -12.32 -17.01
N GLY B 56 -4.96 -11.86 -18.24
CA GLY B 56 -5.07 -10.44 -18.51
C GLY B 56 -6.18 -9.78 -17.72
N GLY B 57 -7.35 -10.45 -17.64
CA GLY B 57 -8.44 -9.93 -16.82
C GLY B 57 -8.09 -9.89 -15.35
N LEU B 58 -7.41 -10.94 -14.85
CA LEU B 58 -6.96 -10.93 -13.46
C LEU B 58 -5.98 -9.79 -13.19
N THR B 59 -5.07 -9.53 -14.13
CA THR B 59 -4.11 -8.46 -13.92
C THR B 59 -4.81 -7.12 -13.83
N LEU B 60 -5.82 -6.89 -14.66
CA LEU B 60 -6.63 -5.67 -14.56
C LEU B 60 -7.27 -5.55 -13.18
N GLY B 61 -7.82 -6.65 -12.68
CA GLY B 61 -8.38 -6.65 -11.35
C GLY B 61 -7.40 -6.21 -10.27
N ASP B 62 -6.19 -6.78 -10.26
CA ASP B 62 -5.20 -6.42 -9.25
C ASP B 62 -4.70 -5.00 -9.44
N THR B 63 -4.59 -4.56 -10.68
CA THR B 63 -4.20 -3.18 -10.95
C THR B 63 -5.17 -2.20 -10.30
N LYS B 64 -6.48 -2.48 -10.39
CA LYS B 64 -7.48 -1.58 -9.82
C LYS B 64 -7.54 -1.68 -8.32
N GLN B 65 -7.32 -2.88 -7.75
CA GLN B 65 -7.39 -3.06 -6.29
C GLN B 65 -6.20 -2.42 -5.59
N GLY B 66 -5.00 -2.69 -6.09
CA GLY B 66 -3.85 -2.04 -5.50
C GLY B 66 -3.78 -0.55 -5.73
N GLY B 67 -4.21 -0.08 -6.90
CA GLY B 67 -4.01 1.33 -7.24
C GLY B 67 -5.18 2.26 -6.99
N GLU B 68 -6.36 1.70 -6.66
CA GLU B 68 -7.57 2.49 -6.43
C GLU B 68 -8.41 2.02 -5.23
N GLY B 69 -8.79 0.74 -5.24
CA GLY B 69 -9.63 0.14 -4.20
C GLY B 69 -9.06 0.27 -2.80
N MET B 70 -7.91 -0.35 -2.55
CA MET B 70 -7.33 -0.30 -1.22
C MET B 70 -6.96 1.12 -0.83
N PRO B 71 -6.36 1.94 -1.70
CA PRO B 71 -6.05 3.32 -1.30
C PRO B 71 -7.26 4.13 -0.88
N LEU B 72 -8.36 4.06 -1.61
CA LEU B 72 -9.46 4.95 -1.31
C LEU B 72 -10.34 4.44 -0.18
N VAL B 73 -10.44 3.13 -0.02
CA VAL B 73 -11.05 2.60 1.19
C VAL B 73 -10.20 2.96 2.41
N LEU B 74 -8.91 2.64 2.38
CA LEU B 74 -8.15 2.81 3.60
C LEU B 74 -8.04 4.28 4.01
N VAL B 75 -8.02 5.22 3.05
CA VAL B 75 -7.73 6.61 3.42
C VAL B 75 -8.82 7.18 4.30
N HIS B 76 -10.04 6.68 4.16
CA HIS B 76 -11.17 7.16 4.95
C HIS B 76 -11.41 6.36 6.24
N LEU B 77 -10.66 5.29 6.50
CA LEU B 77 -10.81 4.56 7.74
C LEU B 77 -10.27 5.34 8.91
N GLU B 78 -10.98 5.25 10.03
CA GLU B 78 -10.57 5.84 11.29
C GLU B 78 -9.77 4.87 12.15
N ASN B 79 -9.85 3.58 11.86
CA ASN B 79 -9.11 2.56 12.58
C ASN B 79 -7.71 2.49 11.96
N LEU B 80 -6.70 2.94 12.68
CA LEU B 80 -5.36 3.07 12.11
C LEU B 80 -4.66 1.73 11.95
N GLN B 81 -5.04 0.75 12.74
CA GLN B 81 -4.46 -0.58 12.65
C GLN B 81 -5.01 -1.31 11.44
N ALA B 82 -6.30 -1.22 11.19
CA ALA B 82 -7.01 -1.81 10.05
C ALA B 82 -6.46 -1.13 8.79
N LYS B 83 -6.23 0.17 8.85
CA LYS B 83 -5.62 0.98 7.77
C LYS B 83 -4.30 0.34 7.35
N SER B 84 -3.45 -0.01 8.30
CA SER B 84 -2.12 -0.61 8.08
C SER B 84 -2.27 -1.90 7.29
N VAL B 85 -3.21 -2.74 7.71
CA VAL B 85 -3.45 -4.01 7.04
C VAL B 85 -3.87 -3.79 5.59
N LEU B 86 -4.81 -2.87 5.34
CA LEU B 86 -5.24 -2.63 3.98
C LEU B 86 -4.10 -2.11 3.12
N ALA B 87 -3.21 -1.29 3.69
CA ALA B 87 -2.10 -0.77 2.91
C ALA B 87 -1.20 -1.91 2.46
N PHE B 88 -0.93 -2.85 3.38
CA PHE B 88 -0.14 -4.03 3.03
C PHE B 88 -0.83 -4.89 1.98
N MET B 89 -2.15 -5.06 2.10
CA MET B 89 -2.92 -5.81 1.12
C MET B 89 -2.83 -5.18 -0.27
N GLY B 90 -2.86 -3.84 -0.34
CA GLY B 90 -2.78 -3.17 -1.64
C GLY B 90 -1.43 -3.34 -2.31
N ALA B 91 -0.35 -3.32 -1.52
CA ALA B 91 0.98 -3.65 -2.02
C ALA B 91 1.04 -5.08 -2.53
N MET B 92 0.44 -6.02 -1.81
CA MET B 92 0.44 -7.39 -2.31
C MET B 92 -0.40 -7.55 -3.58
N GLU B 93 -1.42 -6.71 -3.79
CA GLU B 93 -2.14 -6.78 -5.07
C GLU B 93 -1.22 -6.44 -6.23
N GLU B 94 -0.27 -5.52 -5.99
CA GLU B 94 0.67 -5.14 -7.03
C GLU B 94 1.72 -6.23 -7.25
N VAL B 95 2.10 -6.94 -6.18
CA VAL B 95 2.91 -8.15 -6.33
C VAL B 95 2.18 -9.16 -7.21
N HIS B 96 0.89 -9.38 -6.93
CA HIS B 96 0.11 -10.30 -7.78
C HIS B 96 0.13 -9.87 -9.24
N ALA B 97 -0.18 -8.60 -9.51
CA ALA B 97 -0.22 -8.13 -10.89
C ALA B 97 1.14 -8.33 -11.56
N LYS B 98 2.22 -8.05 -10.83
CA LYS B 98 3.54 -8.26 -11.42
C LYS B 98 3.81 -9.74 -11.67
N SER B 99 3.35 -10.64 -10.79
N SER B 99 3.33 -10.62 -10.79
CA SER B 99 3.53 -12.06 -11.02
CA SER B 99 3.49 -12.06 -10.99
C SER B 99 2.87 -12.53 -12.32
C SER B 99 2.87 -12.52 -12.32
N TYR B 100 1.75 -11.93 -12.73
CA TYR B 100 1.17 -12.31 -14.02
C TYR B 100 2.13 -11.97 -15.16
N SER B 101 2.84 -10.84 -15.09
CA SER B 101 3.81 -10.50 -16.16
C SER B 101 4.98 -11.48 -16.18
N HIS B 102 5.38 -12.00 -15.02
CA HIS B 102 6.42 -13.01 -14.93
C HIS B 102 6.01 -14.30 -15.65
N ILE B 103 4.76 -14.74 -15.48
CA ILE B 103 4.22 -15.84 -16.30
C ILE B 103 4.27 -15.50 -17.79
N PHE B 104 3.70 -14.35 -18.18
CA PHE B 104 3.69 -13.97 -19.59
C PHE B 104 5.10 -14.02 -20.21
N THR B 105 6.11 -13.58 -19.46
CA THR B 105 7.45 -13.49 -20.03
C THR B 105 7.96 -14.85 -20.51
N THR B 106 7.61 -15.92 -19.79
CA THR B 106 7.99 -17.27 -20.17
C THR B 106 7.11 -17.85 -21.27
N LEU B 107 5.82 -17.54 -21.28
CA LEU B 107 4.88 -18.22 -22.18
C LEU B 107 4.64 -17.49 -23.50
N ALA B 108 4.92 -16.21 -23.59
CA ALA B 108 4.54 -15.44 -24.76
C ALA B 108 5.70 -14.57 -25.21
N THR B 109 5.71 -14.25 -26.50
CA THR B 109 6.64 -13.29 -27.08
C THR B 109 6.21 -11.86 -26.74
N GLU B 110 7.13 -10.90 -26.95
CA GLU B 110 6.80 -9.53 -26.61
C GLU B 110 5.58 -9.03 -27.38
N GLU B 111 5.46 -9.42 -28.65
CA GLU B 111 4.31 -8.97 -29.42
C GLU B 111 3.01 -9.61 -28.93
N GLU B 112 3.07 -10.90 -28.55
CA GLU B 112 1.88 -11.57 -28.02
C GLU B 112 1.44 -10.95 -26.71
N ILE B 113 2.39 -10.50 -25.88
CA ILE B 113 2.02 -9.88 -24.62
C ILE B 113 1.32 -8.55 -24.88
N ASP B 114 1.83 -7.76 -25.82
CA ASP B 114 1.15 -6.51 -26.14
C ASP B 114 -0.23 -6.75 -26.71
N GLU B 115 -0.43 -7.83 -27.48
CA GLU B 115 -1.77 -8.22 -27.90
C GLU B 115 -2.69 -8.42 -26.70
N ILE B 116 -2.19 -9.15 -25.70
CA ILE B 116 -2.99 -9.41 -24.49
C ILE B 116 -3.47 -8.11 -23.88
N PHE B 117 -2.53 -7.23 -23.56
CA PHE B 117 -2.90 -6.03 -22.80
C PHE B 117 -3.75 -5.08 -23.63
N ASP B 118 -3.57 -5.07 -24.97
CA ASP B 118 -4.43 -4.26 -25.82
C ASP B 118 -5.84 -4.84 -25.86
N TRP B 119 -5.95 -6.18 -25.86
CA TRP B 119 -7.25 -6.84 -25.77
C TRP B 119 -7.93 -6.55 -24.42
N VAL B 120 -7.14 -6.54 -23.33
CA VAL B 120 -7.70 -6.17 -22.03
C VAL B 120 -8.24 -4.74 -22.05
N ASP B 121 -7.43 -3.80 -22.56
CA ASP B 121 -7.79 -2.38 -22.44
C ASP B 121 -9.05 -2.06 -23.24
N THR B 122 -9.27 -2.76 -24.35
CA THR B 122 -10.39 -2.47 -25.23
C THR B 122 -11.57 -3.43 -25.04
N HIS B 123 -11.51 -4.35 -24.08
CA HIS B 123 -12.55 -5.36 -23.97
C HIS B 123 -13.82 -4.78 -23.33
N PRO B 124 -14.98 -4.85 -24.00
CA PRO B 124 -16.16 -4.18 -23.47
C PRO B 124 -16.65 -4.72 -22.13
N LEU B 125 -16.65 -6.03 -21.92
CA LEU B 125 -17.12 -6.56 -20.64
C LEU B 125 -16.14 -6.28 -19.51
N LEU B 126 -14.84 -6.36 -19.76
CA LEU B 126 -13.89 -6.02 -18.72
C LEU B 126 -14.03 -4.56 -18.35
N GLU B 127 -14.22 -3.70 -19.36
CA GLU B 127 -14.47 -2.29 -19.11
C GLU B 127 -15.74 -2.13 -18.27
N LYS B 128 -16.80 -2.87 -18.58
CA LYS B 128 -18.06 -2.69 -17.87
C LYS B 128 -17.95 -3.09 -16.39
N LYS B 129 -17.39 -4.26 -16.10
CA LYS B 129 -17.37 -4.67 -14.69
C LYS B 129 -16.28 -3.96 -13.89
N ALA B 130 -15.08 -3.77 -14.46
CA ALA B 130 -14.09 -2.97 -13.74
C ALA B 130 -14.64 -1.58 -13.49
N GLY B 131 -15.41 -1.05 -14.45
CA GLY B 131 -15.99 0.27 -14.30
C GLY B 131 -17.10 0.34 -13.25
N ILE B 132 -17.91 -0.72 -13.12
CA ILE B 132 -18.90 -0.73 -12.04
C ILE B 132 -18.18 -0.72 -10.70
N ILE B 133 -17.13 -1.52 -10.55
CA ILE B 133 -16.42 -1.60 -9.28
C ILE B 133 -15.76 -0.25 -8.94
N THR B 134 -15.00 0.30 -9.88
CA THR B 134 -14.25 1.50 -9.56
C THR B 134 -15.15 2.72 -9.42
N SER B 135 -16.37 2.67 -9.94
CA SER B 135 -17.28 3.78 -9.66
C SER B 135 -17.57 3.87 -8.16
N TYR B 136 -17.60 2.73 -7.46
CA TYR B 136 -17.80 2.76 -6.02
C TYR B 136 -16.58 3.36 -5.31
N TYR B 137 -15.39 3.13 -5.84
CA TYR B 137 -14.18 3.72 -5.26
C TYR B 137 -14.08 5.20 -5.57
N ARG B 138 -14.41 5.59 -6.79
CA ARG B 138 -14.28 7.01 -7.17
C ARG B 138 -15.26 7.89 -6.43
N ARG B 139 -16.32 7.29 -5.92
CA ARG B 139 -17.24 8.01 -5.04
C ARG B 139 -16.47 8.50 -3.80
N LEU B 140 -15.34 7.88 -3.44
CA LEU B 140 -14.60 8.24 -2.24
C LEU B 140 -13.57 9.34 -2.47
N LEU B 141 -13.48 9.85 -3.70
CA LEU B 141 -12.59 10.96 -4.00
C LEU B 141 -13.24 12.26 -3.55
N LYS B 142 -13.38 12.41 -2.24
CA LYS B 142 -13.82 13.67 -1.65
C LYS B 142 -13.44 13.69 -0.18
N PRO B 143 -13.40 14.89 0.43
CA PRO B 143 -12.89 14.99 1.82
C PRO B 143 -13.69 14.21 2.83
N GLU B 144 -15.02 14.22 2.70
CA GLU B 144 -15.93 13.54 3.63
C GLU B 144 -16.80 12.59 2.83
N VAL B 145 -16.83 11.33 3.24
CA VAL B 145 -17.72 10.34 2.65
C VAL B 145 -18.70 9.90 3.72
N THR B 146 -19.83 9.39 3.26
CA THR B 146 -20.76 8.77 4.18
C THR B 146 -20.37 7.32 4.43
N LYS B 147 -20.83 6.79 5.55
CA LYS B 147 -20.63 5.36 5.78
C LYS B 147 -21.35 4.51 4.76
N LYS B 148 -22.49 4.95 4.22
CA LYS B 148 -23.08 4.19 3.11
C LYS B 148 -22.08 4.05 1.98
N GLU B 149 -21.41 5.14 1.63
CA GLU B 149 -20.49 5.13 0.49
C GLU B 149 -19.29 4.26 0.80
N LEU B 150 -18.76 4.34 2.03
CA LEU B 150 -17.62 3.52 2.40
C LEU B 150 -18.01 2.04 2.47
N TYR B 151 -19.16 1.73 3.09
CA TYR B 151 -19.65 0.34 3.09
C TYR B 151 -19.74 -0.26 1.68
N MET B 152 -20.33 0.49 0.73
CA MET B 152 -20.55 -0.05 -0.60
C MET B 152 -19.24 -0.22 -1.37
N ALA B 153 -18.27 0.64 -1.09
CA ALA B 153 -16.96 0.43 -1.66
C ALA B 153 -16.32 -0.86 -1.11
N MET B 154 -16.54 -1.15 0.16
CA MET B 154 -16.07 -2.41 0.77
C MET B 154 -16.79 -3.61 0.16
N VAL B 155 -18.09 -3.48 -0.08
CA VAL B 155 -18.83 -4.54 -0.75
C VAL B 155 -18.23 -4.80 -2.13
N ALA B 156 -18.01 -3.72 -2.89
CA ALA B 156 -17.40 -3.84 -4.21
C ALA B 156 -16.06 -4.56 -4.12
N SER B 157 -15.27 -4.24 -3.09
N SER B 157 -15.26 -4.26 -3.10
CA SER B 157 -13.95 -4.82 -2.91
CA SER B 157 -13.95 -4.87 -2.98
C SER B 157 -14.05 -6.33 -2.66
C SER B 157 -14.04 -6.36 -2.66
N VAL B 158 -14.91 -6.73 -1.72
CA VAL B 158 -15.14 -8.14 -1.48
C VAL B 158 -15.64 -8.86 -2.72
N PHE B 159 -16.55 -8.26 -3.47
CA PHE B 159 -17.09 -8.91 -4.65
C PHE B 159 -16.03 -9.07 -5.73
N LEU B 160 -15.06 -8.18 -5.78
CA LEU B 160 -14.02 -8.38 -6.77
C LEU B 160 -13.04 -9.48 -6.35
N GLU B 161 -12.54 -9.40 -5.11
CA GLU B 161 -11.47 -10.28 -4.66
C GLU B 161 -11.99 -11.67 -4.25
N SER B 162 -13.25 -11.79 -3.84
CA SER B 162 -13.80 -13.08 -3.43
C SER B 162 -14.67 -13.72 -4.52
N TYR B 163 -14.98 -13.00 -5.60
CA TYR B 163 -16.08 -13.44 -6.44
C TYR B 163 -15.72 -13.25 -7.91
N LEU B 164 -15.63 -12.02 -8.41
CA LEU B 164 -15.43 -11.81 -9.83
C LEU B 164 -14.10 -12.39 -10.31
N PHE B 165 -13.05 -12.39 -9.47
CA PHE B 165 -11.78 -12.98 -9.87
C PHE B 165 -11.91 -14.45 -10.26
N TYR B 166 -12.86 -15.18 -9.68
CA TYR B 166 -12.82 -16.63 -9.81
C TYR B 166 -13.26 -17.12 -11.19
N SER B 167 -13.92 -16.29 -12.00
CA SER B 167 -14.09 -16.63 -13.42
C SER B 167 -12.74 -16.74 -14.13
N GLY B 168 -11.71 -16.11 -13.58
CA GLY B 168 -10.36 -16.23 -14.14
C GLY B 168 -9.49 -17.26 -13.44
N PHE B 169 -9.57 -17.33 -12.11
CA PHE B 169 -8.78 -18.35 -11.38
C PHE B 169 -9.16 -19.77 -11.81
N PHE B 170 -10.40 -19.97 -12.27
CA PHE B 170 -10.86 -21.29 -12.68
C PHE B 170 -9.86 -21.99 -13.59
N TYR B 171 -9.41 -21.32 -14.66
CA TYR B 171 -8.72 -22.07 -15.70
C TYR B 171 -7.29 -22.42 -15.30
N PRO B 172 -6.49 -21.53 -14.70
CA PRO B 172 -5.16 -21.99 -14.21
C PRO B 172 -5.25 -23.14 -13.22
N LEU B 173 -6.28 -23.13 -12.38
CA LEU B 173 -6.48 -24.21 -11.41
C LEU B 173 -6.88 -25.51 -12.10
N TYR B 174 -7.79 -25.39 -13.08
CA TYR B 174 -8.23 -26.55 -13.85
C TYR B 174 -7.06 -27.20 -14.58
N LEU B 175 -6.19 -26.38 -15.16
CA LEU B 175 -5.05 -26.92 -15.88
C LEU B 175 -4.04 -27.54 -14.91
N ALA B 176 -3.73 -26.82 -13.80
CA ALA B 176 -2.82 -27.34 -12.79
C ALA B 176 -3.34 -28.64 -12.22
N GLY B 177 -4.65 -28.75 -12.07
CA GLY B 177 -5.28 -29.97 -11.58
C GLY B 177 -5.09 -31.14 -12.53
N GLN B 178 -4.73 -30.89 -13.79
CA GLN B 178 -4.43 -31.91 -14.78
C GLN B 178 -2.94 -32.01 -15.09
N GLY B 179 -2.09 -31.44 -14.23
CA GLY B 179 -0.68 -31.54 -14.44
C GLY B 179 -0.12 -30.56 -15.44
N LYS B 180 -0.90 -29.59 -15.89
CA LYS B 180 -0.45 -28.62 -16.88
C LYS B 180 -0.28 -27.25 -16.27
N LEU B 181 0.79 -26.59 -16.70
CA LEU B 181 1.20 -25.27 -16.20
C LEU B 181 1.20 -25.22 -14.68
N THR B 182 1.92 -26.17 -14.07
CA THR B 182 1.84 -26.31 -12.62
C THR B 182 2.70 -25.29 -11.88
N ALA B 183 3.73 -24.75 -12.51
CA ALA B 183 4.53 -23.76 -11.78
C ALA B 183 3.78 -22.43 -11.73
N SER B 184 3.21 -22.02 -12.85
CA SER B 184 2.26 -20.92 -12.85
C SER B 184 1.11 -21.19 -11.88
N GLY B 185 0.65 -22.45 -11.80
CA GLY B 185 -0.40 -22.80 -10.86
C GLY B 185 -0.01 -22.55 -9.40
N GLU B 186 1.26 -22.79 -9.05
CA GLU B 186 1.69 -22.47 -7.68
C GLU B 186 1.63 -20.97 -7.44
N ILE B 187 1.95 -20.17 -8.46
CA ILE B 187 1.84 -18.72 -8.31
C ILE B 187 0.38 -18.35 -8.07
N ILE B 188 -0.53 -18.92 -8.88
CA ILE B 188 -1.93 -18.61 -8.72
C ILE B 188 -2.41 -19.03 -7.34
N ASN B 189 -1.87 -20.13 -6.79
CA ASN B 189 -2.29 -20.55 -5.45
C ASN B 189 -1.80 -19.56 -4.40
N LEU B 190 -0.60 -19.01 -4.59
CA LEU B 190 -0.15 -18.00 -3.65
C LEU B 190 -1.06 -16.78 -3.69
N ILE B 191 -1.43 -16.34 -4.91
CA ILE B 191 -2.33 -15.20 -5.08
C ILE B 191 -3.66 -15.47 -4.39
N ILE B 192 -4.25 -16.64 -4.67
CA ILE B 192 -5.52 -17.01 -4.05
C ILE B 192 -5.42 -17.00 -2.54
N ARG B 193 -4.34 -17.55 -2.00
CA ARG B 193 -4.12 -17.57 -0.56
C ARG B 193 -4.20 -16.16 0.04
N ASP B 194 -3.60 -15.17 -0.63
CA ASP B 194 -3.74 -13.78 -0.20
C ASP B 194 -5.17 -13.27 -0.39
N GLU B 195 -5.74 -13.49 -1.58
CA GLU B 195 -7.06 -12.93 -1.89
C GLU B 195 -8.11 -13.40 -0.90
N SER B 196 -8.01 -14.67 -0.47
CA SER B 196 -8.95 -15.20 0.51
C SER B 196 -8.94 -14.39 1.78
N ILE B 197 -7.75 -14.08 2.31
CA ILE B 197 -7.75 -13.36 3.57
C ILE B 197 -8.06 -11.88 3.32
N HIS B 198 -7.76 -11.37 2.12
CA HIS B 198 -8.21 -10.02 1.77
C HIS B 198 -9.72 -9.94 1.86
N GLY B 199 -10.42 -10.90 1.24
CA GLY B 199 -11.87 -10.85 1.23
C GLY B 199 -12.48 -10.98 2.61
N VAL B 200 -11.93 -11.89 3.43
CA VAL B 200 -12.40 -12.07 4.80
C VAL B 200 -12.21 -10.76 5.59
N PHE B 201 -11.04 -10.15 5.47
CA PHE B 201 -10.76 -8.98 6.29
C PHE B 201 -11.66 -7.80 5.89
N VAL B 202 -11.72 -7.46 4.60
CA VAL B 202 -12.60 -6.36 4.17
C VAL B 202 -14.04 -6.62 4.56
N GLY B 203 -14.48 -7.87 4.46
CA GLY B 203 -15.82 -8.23 4.86
C GLY B 203 -16.08 -7.97 6.33
N ILE B 204 -15.09 -8.28 7.19
CA ILE B 204 -15.22 -7.96 8.61
C ILE B 204 -15.37 -6.47 8.81
N LEU B 205 -14.52 -5.69 8.13
CA LEU B 205 -14.63 -4.23 8.30
C LEU B 205 -15.97 -3.73 7.80
N ALA B 206 -16.48 -4.33 6.72
CA ALA B 206 -17.77 -3.91 6.19
C ALA B 206 -18.89 -4.15 7.19
N GLN B 207 -18.90 -5.33 7.83
CA GLN B 207 -19.93 -5.69 8.80
C GLN B 207 -19.92 -4.72 9.97
N GLN B 208 -18.73 -4.26 10.36
CA GLN B 208 -18.62 -3.28 11.41
C GLN B 208 -19.22 -1.94 11.00
N ILE B 209 -18.95 -1.48 9.78
N ILE B 209 -18.91 -1.46 9.79
CA ILE B 209 -19.56 -0.22 9.33
CA ILE B 209 -19.52 -0.25 9.27
C ILE B 209 -21.05 -0.38 9.14
C ILE B 209 -21.04 -0.40 9.17
N PHE B 210 -21.49 -1.54 8.62
CA PHE B 210 -22.92 -1.77 8.44
C PHE B 210 -23.65 -1.62 9.76
N ALA B 211 -23.07 -2.12 10.85
CA ALA B 211 -23.72 -2.07 12.15
C ALA B 211 -23.81 -0.64 12.70
N GLU B 212 -23.03 0.30 12.15
CA GLU B 212 -23.06 1.69 12.58
C GLU B 212 -24.10 2.53 11.83
N LEU B 213 -24.67 2.02 10.74
CA LEU B 213 -25.62 2.75 9.91
C LEU B 213 -27.00 2.87 10.56
N SER B 214 -27.70 3.96 10.23
CA SER B 214 -29.13 4.04 10.54
C SER B 214 -29.90 2.92 9.89
N ALA B 215 -31.09 2.66 10.42
CA ALA B 215 -31.94 1.63 9.83
C ALA B 215 -32.23 1.91 8.35
N GLU B 216 -32.48 3.18 8.01
CA GLU B 216 -32.80 3.51 6.62
C GLU B 216 -31.60 3.25 5.71
N ASP B 217 -30.40 3.64 6.15
CA ASP B 217 -29.18 3.40 5.40
C ASP B 217 -28.91 1.91 5.23
N GLN B 218 -29.14 1.12 6.29
CA GLN B 218 -28.96 -0.32 6.20
C GLN B 218 -29.90 -0.92 5.15
N GLN B 219 -31.16 -0.50 5.15
CA GLN B 219 -32.08 -1.06 4.17
C GLN B 219 -31.63 -0.69 2.75
N GLU B 220 -31.14 0.53 2.57
CA GLU B 220 -30.68 0.98 1.24
C GLU B 220 -29.51 0.12 0.73
N VAL B 221 -28.47 -0.06 1.55
CA VAL B 221 -27.27 -0.79 1.09
C VAL B 221 -27.50 -2.29 1.05
N GLN B 222 -28.37 -2.86 1.90
CA GLN B 222 -28.76 -4.26 1.71
C GLN B 222 -29.35 -4.47 0.32
N LYS B 223 -30.24 -3.59 -0.12
CA LYS B 223 -30.81 -3.73 -1.45
C LYS B 223 -29.77 -3.48 -2.54
N GLU B 224 -28.95 -2.45 -2.37
CA GLU B 224 -27.91 -2.19 -3.36
C GLU B 224 -26.97 -3.37 -3.48
N THR B 225 -26.58 -3.96 -2.36
CA THR B 225 -25.65 -5.10 -2.39
C THR B 225 -26.21 -6.27 -3.18
N GLN B 226 -27.48 -6.62 -2.97
CA GLN B 226 -28.10 -7.70 -3.75
C GLN B 226 -28.25 -7.32 -5.21
N GLU B 227 -28.53 -6.06 -5.50
CA GLU B 227 -28.62 -5.65 -6.91
C GLU B 227 -27.25 -5.77 -7.57
N LEU B 228 -26.21 -5.25 -6.89
CA LEU B 228 -24.85 -5.30 -7.40
C LEU B 228 -24.39 -6.74 -7.66
N LEU B 229 -24.65 -7.62 -6.69
CA LEU B 229 -24.33 -9.04 -6.85
C LEU B 229 -24.83 -9.60 -8.17
N MET B 230 -26.11 -9.35 -8.48
CA MET B 230 -26.72 -9.93 -9.66
C MET B 230 -26.44 -9.15 -10.93
N GLU B 231 -26.18 -7.85 -10.83
CA GLU B 231 -25.69 -7.12 -11.99
C GLU B 231 -24.34 -7.67 -12.45
N LEU B 232 -23.44 -7.91 -11.49
CA LEU B 232 -22.13 -8.46 -11.82
C LEU B 232 -22.25 -9.88 -12.32
N TYR B 233 -23.13 -10.66 -11.68
CA TYR B 233 -23.36 -12.03 -12.11
C TYR B 233 -23.80 -12.11 -13.56
N GLU B 234 -24.75 -11.26 -13.95
CA GLU B 234 -25.22 -11.26 -15.33
C GLU B 234 -24.08 -10.94 -16.28
N ILE B 235 -23.26 -9.96 -15.93
CA ILE B 235 -22.11 -9.63 -16.76
C ILE B 235 -21.12 -10.79 -16.81
N GLU B 236 -20.88 -11.42 -15.67
CA GLU B 236 -19.90 -12.50 -15.63
C GLU B 236 -20.35 -13.69 -16.49
N MET B 237 -21.66 -13.95 -16.60
CA MET B 237 -22.11 -15.05 -17.47
C MET B 237 -21.87 -14.73 -18.94
N ALA B 238 -21.97 -13.46 -19.34
CA ALA B 238 -21.58 -13.10 -20.69
C ALA B 238 -20.07 -13.25 -20.85
N TYR B 239 -19.29 -12.96 -19.80
CA TYR B 239 -17.83 -13.05 -19.90
C TYR B 239 -17.38 -14.50 -20.05
N THR B 240 -17.94 -15.38 -19.24
CA THR B 240 -17.56 -16.78 -19.30
C THR B 240 -17.96 -17.39 -20.63
N GLU B 241 -19.13 -17.02 -21.16
CA GLU B 241 -19.52 -17.54 -22.46
C GLU B 241 -18.56 -17.08 -23.56
N GLU B 242 -18.13 -15.82 -23.52
CA GLU B 242 -17.17 -15.36 -24.51
C GLU B 242 -15.82 -16.07 -24.38
N ILE B 243 -15.34 -16.27 -23.15
CA ILE B 243 -13.99 -16.79 -22.94
C ILE B 243 -13.94 -18.30 -23.15
N TYR B 244 -14.95 -19.01 -22.69
CA TYR B 244 -14.84 -20.45 -22.49
C TYR B 244 -15.67 -21.30 -23.45
N THR B 245 -16.54 -20.72 -24.26
CA THR B 245 -17.29 -21.53 -25.24
C THR B 245 -16.34 -22.33 -26.14
N SER B 246 -15.28 -21.69 -26.61
CA SER B 246 -14.31 -22.30 -27.51
C SER B 246 -13.70 -23.57 -26.92
N ILE B 247 -13.62 -23.71 -25.60
CA ILE B 247 -12.97 -24.86 -24.98
C ILE B 247 -13.94 -25.67 -24.12
N GLY B 248 -15.25 -25.47 -24.32
CA GLY B 248 -16.28 -26.33 -23.73
C GLY B 248 -16.39 -26.27 -22.22
N LEU B 249 -16.06 -25.13 -21.59
CA LEU B 249 -16.05 -25.08 -20.13
C LEU B 249 -17.04 -24.07 -19.56
N VAL B 250 -17.98 -23.59 -20.36
CA VAL B 250 -18.79 -22.45 -19.93
C VAL B 250 -19.53 -22.77 -18.64
N GLU B 251 -20.23 -23.90 -18.61
CA GLU B 251 -21.09 -24.18 -17.46
C GLU B 251 -20.28 -24.59 -16.23
N ASP B 252 -19.13 -25.22 -16.45
CA ASP B 252 -18.25 -25.52 -15.32
C ASP B 252 -17.76 -24.24 -14.66
N VAL B 253 -17.37 -23.25 -15.46
CA VAL B 253 -16.87 -22.02 -14.85
C VAL B 253 -18.00 -21.31 -14.12
N ASN B 254 -19.20 -21.29 -14.70
CA ASN B 254 -20.34 -20.66 -14.06
C ASN B 254 -20.62 -21.26 -12.69
N ARG B 255 -20.47 -22.59 -12.56
CA ARG B 255 -20.68 -23.20 -11.26
C ARG B 255 -19.63 -22.70 -10.26
N PHE B 256 -18.40 -22.53 -10.71
CA PHE B 256 -17.34 -22.00 -9.86
C PHE B 256 -17.63 -20.56 -9.46
N VAL B 257 -18.17 -19.78 -10.39
CA VAL B 257 -18.49 -18.38 -10.08
C VAL B 257 -19.54 -18.31 -8.99
N ARG B 258 -20.60 -19.12 -9.10
CA ARG B 258 -21.67 -19.10 -8.11
C ARG B 258 -21.14 -19.55 -6.74
N TYR B 259 -20.28 -20.56 -6.73
CA TYR B 259 -19.69 -21.01 -5.49
C TYR B 259 -18.95 -19.87 -4.79
N ASN B 260 -18.15 -19.12 -5.53
CA ASN B 260 -17.37 -18.05 -4.91
C ASN B 260 -18.22 -16.80 -4.64
N ALA B 261 -19.23 -16.52 -5.47
CA ALA B 261 -20.21 -15.52 -5.08
C ALA B 261 -20.77 -15.79 -3.68
N ASN B 262 -21.07 -17.07 -3.38
CA ASN B 262 -21.60 -17.42 -2.06
C ASN B 262 -20.59 -17.11 -0.96
N LYS B 263 -19.30 -17.38 -1.20
CA LYS B 263 -18.25 -17.08 -0.23
C LYS B 263 -18.11 -15.58 0.01
N GLY B 264 -18.17 -14.77 -1.04
CA GLY B 264 -18.11 -13.33 -0.86
C GLY B 264 -19.27 -12.81 -0.04
N LEU B 265 -20.49 -13.31 -0.31
CA LEU B 265 -21.65 -12.98 0.51
C LEU B 265 -21.42 -13.39 1.96
N MET B 266 -20.88 -14.58 2.20
CA MET B 266 -20.63 -14.98 3.58
C MET B 266 -19.52 -14.13 4.22
N ASN B 267 -18.48 -13.76 3.46
CA ASN B 267 -17.49 -12.82 3.98
C ASN B 267 -18.15 -11.52 4.47
N LEU B 268 -19.25 -11.12 3.84
CA LEU B 268 -20.02 -9.95 4.24
C LEU B 268 -21.04 -10.28 5.34
N GLY B 269 -21.04 -11.49 5.87
CA GLY B 269 -22.08 -11.86 6.83
C GLY B 269 -23.47 -12.01 6.22
N LEU B 270 -23.56 -12.27 4.92
CA LEU B 270 -24.83 -12.40 4.23
C LEU B 270 -25.02 -13.87 3.85
N GLU B 271 -26.26 -14.27 3.65
CA GLU B 271 -26.57 -15.65 3.28
C GLU B 271 -26.26 -15.91 1.80
N PRO B 272 -25.96 -17.15 1.46
CA PRO B 272 -25.76 -17.53 0.05
C PRO B 272 -26.99 -17.27 -0.80
N LYS B 273 -26.77 -17.03 -2.09
CA LYS B 273 -27.86 -16.75 -3.00
C LYS B 273 -27.93 -17.73 -4.15
N PHE B 274 -26.94 -18.63 -4.27
CA PHE B 274 -26.89 -19.65 -5.31
C PHE B 274 -26.76 -21.02 -4.66
N GLU B 275 -27.18 -22.04 -5.40
CA GLU B 275 -26.98 -23.42 -4.97
C GLU B 275 -25.49 -23.76 -4.83
N ILE B 279 -17.32 -27.93 -5.38
CA ILE B 279 -16.25 -27.44 -6.25
C ILE B 279 -15.89 -28.53 -7.26
N ASN B 280 -15.66 -28.12 -8.49
CA ASN B 280 -15.23 -29.05 -9.52
C ASN B 280 -14.01 -29.85 -9.02
N PRO B 281 -14.00 -31.18 -9.16
CA PRO B 281 -12.90 -31.97 -8.57
C PRO B 281 -11.55 -31.77 -9.25
N ILE B 282 -11.52 -31.42 -10.54
CA ILE B 282 -10.23 -31.10 -11.15
C ILE B 282 -9.68 -29.78 -10.58
N VAL B 283 -10.55 -28.76 -10.44
CA VAL B 283 -10.13 -27.52 -9.80
C VAL B 283 -9.61 -27.80 -8.40
N LEU B 284 -10.34 -28.64 -7.66
CA LEU B 284 -9.92 -28.95 -6.31
C LEU B 284 -8.52 -29.55 -6.32
N ASN B 285 -8.23 -30.38 -7.31
CA ASN B 285 -6.89 -30.93 -7.39
C ASN B 285 -5.87 -29.86 -7.74
N GLY B 286 -6.27 -28.82 -8.47
CA GLY B 286 -5.36 -27.71 -8.75
C GLY B 286 -5.07 -26.83 -7.54
N LEU B 287 -5.96 -26.82 -6.57
CA LEU B 287 -5.74 -26.08 -5.31
C LEU B 287 -4.80 -26.81 -4.35
N ARG B 288 -4.66 -28.13 -4.49
CA ARG B 288 -3.71 -28.93 -3.72
C ARG B 288 -2.27 -28.50 -4.00
S SO4 C . -3.41 20.39 -15.49
O1 SO4 C . -4.67 20.81 -14.84
O2 SO4 C . -2.29 20.62 -14.61
O3 SO4 C . -3.49 18.98 -15.93
O4 SO4 C . -3.22 21.21 -16.70
S SO4 D . -6.90 4.01 -18.00
O1 SO4 D . -5.89 3.94 -16.94
O2 SO4 D . -8.22 4.16 -17.40
O3 SO4 D . -6.56 5.08 -18.93
O4 SO4 D . -6.88 2.80 -18.81
S SO4 E . 12.07 -8.56 21.77
O1 SO4 E . 13.27 -8.69 22.61
O2 SO4 E . 10.89 -8.38 22.62
O3 SO4 E . 11.93 -9.81 21.01
O4 SO4 E . 12.19 -7.43 20.84
S SO4 F . -7.09 11.81 13.49
O1 SO4 F . -8.40 12.21 13.97
O2 SO4 F . -6.22 11.70 14.67
O3 SO4 F . -6.49 12.80 12.59
O4 SO4 F . -7.19 10.51 12.83
S SO4 G . 12.03 -18.44 -14.88
O1 SO4 G . 10.71 -17.91 -14.45
O2 SO4 G . 13.11 -17.81 -14.11
O3 SO4 G . 12.26 -18.19 -16.28
O4 SO4 G . 12.04 -19.89 -14.74
S SO4 H . -22.93 8.27 8.60
O1 SO4 H . -21.81 8.57 9.48
O2 SO4 H . -24.00 9.24 8.69
O3 SO4 H . -23.52 7.00 9.03
O4 SO4 H . -22.36 8.39 7.25
#